data_6ITD
#
_entry.id   6ITD
#
_cell.length_a   71.167
_cell.length_b   71.167
_cell.length_c   98.211
_cell.angle_alpha   90.00
_cell.angle_beta   90.00
_cell.angle_gamma   120.00
#
_symmetry.space_group_name_H-M   'P 31 2 1'
#
loop_
_entity.id
_entity.type
_entity.pdbx_description
1 polymer 'Slr0355 protein'
2 non-polymer '3-(1-AMINOETHYL)NONANEDIOIC ACID'
3 water water
#
_entity_poly.entity_id   1
_entity_poly.type   'polypeptide(L)'
_entity_poly.pdbx_seq_one_letter_code
;MKHHHHHHHHGGLVPRGSHGGSMENNSLAPLRVGILGFGGLGQAAARLLAPKQEMKLVAVADRHGYLYDADGIDVDNAVQ
AYTQQGSVGKAKKGQMSEQSIEDLIGEGEVDGYFLALPNLPNTFMADVTRQFIASGWQGVLVDALARTSAVEQLITLRED
LAQAGITYMTGCGATPGLLTAAAAIASQSFQEIHQVKITFGVGIANWEAYRATIREDIAHMPGYNVDKAQAMTDAEVAAL
LDQTNGILALEDMEHADDIMLELAGICHRDQVTVGGVVDTRNPKKPLSTHVKITGRTFEGKISSHTFTLGDETSMAANVC
GPAFGYLKAGYGLHRQGLKGLFTAADVMPKFVR
;
_entity_poly.pdbx_strand_id   A
#
loop_
_chem_comp.id
_chem_comp.type
_chem_comp.name
_chem_comp.formula
IKT non-polymer '3-(1-AMINOETHYL)NONANEDIOIC ACID' 'C11 H21 N O4'
#
# COMPACT_ATOMS: atom_id res chain seq x y z
N ASN A 26 20.07 -12.44 11.27
CA ASN A 26 18.60 -12.56 11.12
C ASN A 26 18.15 -13.71 10.20
N SER A 27 19.07 -14.34 9.49
CA SER A 27 18.73 -15.54 8.75
C SER A 27 18.38 -16.68 9.72
N LEU A 28 18.91 -16.64 10.96
CA LEU A 28 18.52 -17.61 12.00
C LEU A 28 17.14 -17.28 12.60
N ALA A 29 16.85 -15.99 12.79
CA ALA A 29 15.56 -15.52 13.28
C ALA A 29 14.98 -14.44 12.34
N PRO A 30 14.36 -14.86 11.22
CA PRO A 30 13.82 -13.86 10.30
C PRO A 30 12.58 -13.19 10.88
N LEU A 31 12.25 -12.02 10.36
CA LEU A 31 11.02 -11.36 10.74
C LEU A 31 9.90 -12.25 10.18
N ARG A 32 8.93 -12.58 11.02
CA ARG A 32 7.81 -13.40 10.59
C ARG A 32 6.69 -12.46 10.19
N VAL A 33 6.30 -12.47 8.92
CA VAL A 33 5.31 -11.52 8.46
C VAL A 33 4.07 -12.19 7.91
N GLY A 34 3.00 -11.42 7.82
CA GLY A 34 1.71 -11.86 7.27
C GLY A 34 1.18 -10.85 6.28
N ILE A 35 0.23 -11.27 5.47
CA ILE A 35 -0.37 -10.42 4.46
C ILE A 35 -1.88 -10.55 4.62
N LEU A 36 -2.59 -9.44 4.76
CA LEU A 36 -4.05 -9.47 4.82
C LEU A 36 -4.57 -8.92 3.51
N GLY A 37 -5.41 -9.71 2.86
CA GLY A 37 -5.88 -9.43 1.50
C GLY A 37 -5.02 -10.27 0.55
N PHE A 38 -5.66 -11.01 -0.35
CA PHE A 38 -4.92 -11.87 -1.27
C PHE A 38 -5.43 -11.79 -2.70
N GLY A 39 -5.79 -10.57 -3.09
CA GLY A 39 -6.03 -10.23 -4.49
C GLY A 39 -4.68 -10.04 -5.13
N GLY A 40 -4.62 -9.27 -6.20
CA GLY A 40 -3.38 -9.17 -6.99
C GLY A 40 -2.18 -8.64 -6.21
N LEU A 41 -2.41 -7.62 -5.39
CA LEU A 41 -1.34 -7.01 -4.63
C LEU A 41 -0.80 -7.93 -3.52
N GLY A 42 -1.69 -8.56 -2.76
CA GLY A 42 -1.25 -9.49 -1.74
C GLY A 42 -0.50 -10.67 -2.33
N GLN A 43 -0.96 -11.16 -3.48
CA GLN A 43 -0.33 -12.29 -4.16
C GLN A 43 1.08 -11.90 -4.61
N ALA A 44 1.20 -10.71 -5.19
CA ALA A 44 2.50 -10.17 -5.59
C ALA A 44 3.41 -10.02 -4.39
N ALA A 45 2.84 -9.54 -3.28
CA ALA A 45 3.60 -9.40 -2.05
C ALA A 45 4.17 -10.74 -1.58
N ALA A 46 3.35 -11.79 -1.67
CA ALA A 46 3.80 -13.11 -1.29
C ALA A 46 4.97 -13.56 -2.16
N ARG A 47 4.85 -13.37 -3.47
CA ARG A 47 5.93 -13.73 -4.41
C ARG A 47 7.19 -12.94 -4.10
N LEU A 48 7.04 -11.65 -3.82
CA LEU A 48 8.19 -10.82 -3.50
C LEU A 48 8.93 -11.32 -2.28
N LEU A 49 8.19 -11.80 -1.28
CA LEU A 49 8.82 -12.31 -0.07
C LEU A 49 9.58 -13.64 -0.25
N ALA A 50 9.17 -14.46 -1.21
CA ALA A 50 9.73 -15.81 -1.38
C ALA A 50 11.27 -15.89 -1.27
N PRO A 51 12.02 -15.08 -2.03
CA PRO A 51 13.49 -15.24 -1.92
C PRO A 51 14.16 -14.56 -0.73
N LYS A 52 13.42 -13.84 0.11
CA LYS A 52 14.02 -13.15 1.23
C LYS A 52 14.54 -14.15 2.25
N GLN A 53 15.69 -13.84 2.83
CA GLN A 53 16.23 -14.68 3.88
C GLN A 53 16.00 -14.10 5.27
N GLU A 54 15.77 -12.79 5.37
CA GLU A 54 15.59 -12.15 6.67
C GLU A 54 14.13 -11.82 6.96
N MET A 55 13.23 -12.23 6.07
CA MET A 55 11.82 -12.07 6.24
C MET A 55 11.13 -13.34 5.74
N LYS A 56 10.18 -13.86 6.53
CA LYS A 56 9.51 -15.09 6.19
C LYS A 56 8.00 -14.91 6.24
N LEU A 57 7.32 -15.25 5.15
CA LEU A 57 5.85 -15.17 5.09
C LEU A 57 5.30 -16.39 5.80
N VAL A 58 4.61 -16.13 6.92
CA VAL A 58 4.01 -17.21 7.72
C VAL A 58 2.48 -17.18 7.72
N ALA A 59 1.88 -16.10 7.23
CA ALA A 59 0.44 -15.89 7.41
C ALA A 59 -0.20 -15.11 6.28
N VAL A 60 -1.29 -15.68 5.73
CA VAL A 60 -2.11 -14.98 4.75
C VAL A 60 -3.58 -15.12 5.12
N ALA A 61 -4.33 -14.04 5.00
CA ALA A 61 -5.79 -14.08 5.15
C ALA A 61 -6.47 -13.40 4.00
N ASP A 62 -7.58 -13.98 3.58
CA ASP A 62 -8.51 -13.29 2.72
C ASP A 62 -9.87 -13.29 3.43
N ARG A 63 -10.88 -12.73 2.78
CA ARG A 63 -12.19 -12.56 3.40
C ARG A 63 -12.79 -13.89 3.93
N HIS A 64 -12.59 -14.99 3.22
CA HIS A 64 -13.28 -16.23 3.59
C HIS A 64 -12.40 -17.31 4.17
N GLY A 65 -11.14 -17.00 4.44
CA GLY A 65 -10.26 -17.98 5.04
C GLY A 65 -8.87 -17.45 5.27
N TYR A 66 -8.05 -18.27 5.93
CA TYR A 66 -6.67 -17.92 6.23
C TYR A 66 -5.76 -19.15 6.16
N LEU A 67 -4.47 -18.85 6.11
CA LEU A 67 -3.43 -19.84 6.03
C LEU A 67 -2.32 -19.41 6.95
N TYR A 68 -1.98 -20.24 7.93
CA TYR A 68 -0.84 -20.01 8.80
C TYR A 68 0.15 -21.17 8.66
N ASP A 69 1.44 -20.86 8.70
CA ASP A 69 2.46 -21.88 8.57
C ASP A 69 3.76 -21.31 9.12
N ALA A 70 4.02 -21.58 10.40
CA ALA A 70 5.20 -21.04 11.05
C ALA A 70 6.49 -21.40 10.31
N ASP A 71 6.46 -22.45 9.47
CA ASP A 71 7.63 -22.84 8.68
C ASP A 71 7.78 -22.08 7.35
N GLY A 72 6.81 -21.24 6.99
CA GLY A 72 6.88 -20.48 5.75
C GLY A 72 5.83 -20.96 4.76
N ILE A 73 5.05 -20.02 4.23
CA ILE A 73 3.95 -20.33 3.33
C ILE A 73 4.45 -20.89 2.02
N ASP A 74 3.69 -21.85 1.48
CA ASP A 74 3.93 -22.36 0.13
C ASP A 74 3.12 -21.46 -0.80
N VAL A 75 3.79 -20.54 -1.45
CA VAL A 75 3.08 -19.50 -2.18
C VAL A 75 2.29 -20.06 -3.37
N ASP A 76 2.88 -20.99 -4.09
CA ASP A 76 2.20 -21.59 -5.24
C ASP A 76 0.88 -22.22 -4.83
N ASN A 77 0.89 -22.90 -3.69
CA ASN A 77 -0.28 -23.59 -3.19
C ASN A 77 -1.37 -22.62 -2.78
N ALA A 78 -0.96 -21.55 -2.08
CA ALA A 78 -1.91 -20.52 -1.64
C ALA A 78 -2.52 -19.79 -2.82
N VAL A 79 -1.70 -19.44 -3.81
CA VAL A 79 -2.22 -18.78 -5.02
C VAL A 79 -3.19 -19.70 -5.79
N GLN A 80 -2.80 -20.96 -5.96
CA GLN A 80 -3.70 -21.94 -6.59
C GLN A 80 -5.03 -22.00 -5.87
N ALA A 81 -4.97 -22.24 -4.57
CA ALA A 81 -6.15 -22.30 -3.73
C ALA A 81 -7.02 -21.07 -3.93
N TYR A 82 -6.41 -19.91 -3.86
CA TYR A 82 -7.17 -18.69 -3.95
C TYR A 82 -7.86 -18.55 -5.30
N THR A 83 -7.11 -18.73 -6.38
CA THR A 83 -7.63 -18.42 -7.70
C THR A 83 -8.54 -19.52 -8.23
N GLN A 84 -8.31 -20.75 -7.81
CA GLN A 84 -9.09 -21.90 -8.27
C GLN A 84 -10.22 -22.30 -7.33
N GLN A 85 -10.11 -21.99 -6.05
CA GLN A 85 -11.15 -22.34 -5.09
C GLN A 85 -11.71 -21.16 -4.29
N GLY A 86 -11.29 -19.94 -4.64
CA GLY A 86 -11.86 -18.74 -4.06
C GLY A 86 -11.26 -18.25 -2.75
N SER A 87 -10.35 -19.01 -2.13
CA SER A 87 -9.77 -18.62 -0.84
C SER A 87 -8.53 -19.41 -0.50
N VAL A 88 -7.62 -18.78 0.23
CA VAL A 88 -6.44 -19.47 0.73
C VAL A 88 -6.81 -20.45 1.83
N GLY A 89 -8.00 -20.29 2.44
CA GLY A 89 -8.52 -21.29 3.38
C GLY A 89 -8.62 -22.66 2.73
N LYS A 90 -8.72 -22.69 1.40
CA LYS A 90 -8.75 -23.94 0.64
C LYS A 90 -7.38 -24.56 0.38
N ALA A 91 -6.30 -23.82 0.61
CA ALA A 91 -4.95 -24.38 0.46
C ALA A 91 -4.70 -25.47 1.52
N LYS A 92 -3.84 -26.43 1.20
CA LYS A 92 -3.24 -27.32 2.20
C LYS A 92 -2.84 -26.51 3.43
N LYS A 93 -3.30 -26.94 4.60
CA LYS A 93 -3.14 -26.22 5.87
C LYS A 93 -4.03 -25.00 6.03
N GLY A 94 -4.85 -24.68 5.04
CA GLY A 94 -5.73 -23.52 5.13
C GLY A 94 -6.94 -23.77 6.01
N GLN A 95 -7.54 -22.69 6.52
CA GLN A 95 -8.76 -22.76 7.30
C GLN A 95 -9.79 -21.79 6.76
N MET A 96 -11.00 -22.30 6.49
CA MET A 96 -12.11 -21.44 6.08
C MET A 96 -12.62 -20.77 7.33
N SER A 97 -13.09 -19.55 7.18
CA SER A 97 -13.51 -18.75 8.31
C SER A 97 -14.10 -17.46 7.80
N GLU A 98 -15.24 -17.07 8.34
CA GLU A 98 -15.82 -15.77 8.07
C GLU A 98 -15.33 -14.69 9.04
N GLN A 99 -14.56 -15.10 10.06
CA GLN A 99 -13.79 -14.15 10.87
C GLN A 99 -12.30 -14.44 10.72
N SER A 100 -11.80 -14.36 9.49
CA SER A 100 -10.45 -14.83 9.19
C SER A 100 -9.37 -13.96 9.83
N ILE A 101 -9.56 -12.65 9.79
CA ILE A 101 -8.61 -11.74 10.41
C ILE A 101 -8.54 -11.98 11.90
N GLU A 102 -9.68 -11.94 12.57
CA GLU A 102 -9.74 -12.24 14.01
C GLU A 102 -9.08 -13.57 14.35
N ASP A 103 -9.44 -14.61 13.61
CA ASP A 103 -8.88 -15.93 13.86
C ASP A 103 -7.37 -15.94 13.65
N LEU A 104 -6.92 -15.27 12.59
CA LEU A 104 -5.49 -15.28 12.25
C LEU A 104 -4.65 -14.56 13.30
N ILE A 105 -5.13 -13.39 13.71
CA ILE A 105 -4.42 -12.59 14.71
C ILE A 105 -4.13 -13.42 15.96
N GLY A 106 -5.08 -14.23 16.39
CA GLY A 106 -4.93 -15.05 17.59
C GLY A 106 -4.24 -16.39 17.40
N GLU A 107 -4.07 -16.80 16.15
CA GLU A 107 -3.50 -18.10 15.83
C GLU A 107 -1.97 -18.12 15.89
N GLY A 108 -1.33 -17.06 15.41
CA GLY A 108 0.08 -17.15 15.05
C GLY A 108 1.05 -16.22 15.76
N GLU A 109 2.33 -16.53 15.61
CA GLU A 109 3.41 -15.63 16.01
C GLU A 109 3.82 -14.82 14.78
N VAL A 110 3.29 -13.61 14.67
CA VAL A 110 3.56 -12.75 13.54
C VAL A 110 4.04 -11.39 14.03
N ASP A 111 5.22 -11.00 13.54
CA ASP A 111 5.89 -9.76 13.95
C ASP A 111 5.33 -8.52 13.27
N GLY A 112 4.85 -8.66 12.03
CA GLY A 112 4.23 -7.56 11.32
C GLY A 112 3.37 -8.04 10.15
N TYR A 113 2.37 -7.25 9.78
CA TYR A 113 1.47 -7.57 8.69
C TYR A 113 1.49 -6.45 7.69
N PHE A 114 1.44 -6.83 6.42
CA PHE A 114 1.13 -5.92 5.34
C PHE A 114 -0.37 -6.01 5.06
N LEU A 115 -1.05 -4.87 5.17
CA LEU A 115 -2.49 -4.82 4.94
C LEU A 115 -2.75 -4.52 3.48
N ALA A 116 -2.81 -5.58 2.67
CA ALA A 116 -2.98 -5.47 1.23
C ALA A 116 -4.48 -5.47 0.87
N LEU A 117 -5.24 -4.61 1.53
CA LEU A 117 -6.70 -4.64 1.49
C LEU A 117 -7.24 -3.49 0.70
N PRO A 118 -8.08 -3.79 -0.31
CA PRO A 118 -8.83 -2.68 -0.91
C PRO A 118 -9.52 -1.90 0.21
N ASN A 119 -9.42 -0.58 0.17
CA ASN A 119 -10.13 0.25 1.12
C ASN A 119 -11.55 0.47 0.61
N LEU A 120 -12.34 -0.59 0.70
CA LEU A 120 -13.72 -0.60 0.23
C LEU A 120 -14.56 -1.30 1.28
N PRO A 121 -15.48 -0.57 1.93
CA PRO A 121 -15.67 0.88 1.75
C PRO A 121 -14.52 1.71 2.32
N ASN A 122 -14.62 3.05 2.24
CA ASN A 122 -13.54 3.96 2.65
C ASN A 122 -13.10 3.84 4.13
N THR A 123 -13.85 3.08 4.91
CA THR A 123 -13.63 2.91 6.35
C THR A 123 -12.93 1.59 6.71
N PHE A 124 -12.66 0.75 5.71
CA PHE A 124 -12.33 -0.65 5.99
C PHE A 124 -10.98 -0.84 6.68
N MET A 125 -9.98 -0.10 6.20
CA MET A 125 -8.62 -0.20 6.72
C MET A 125 -8.58 0.17 8.20
N ALA A 126 -9.26 1.27 8.53
CA ALA A 126 -9.37 1.72 9.91
C ALA A 126 -10.03 0.64 10.78
N ASP A 127 -11.09 0.04 10.25
CA ASP A 127 -11.83 -0.99 10.97
C ASP A 127 -11.00 -2.21 11.23
N VAL A 128 -10.22 -2.63 10.23
CA VAL A 128 -9.28 -3.73 10.45
C VAL A 128 -8.26 -3.34 11.51
N THR A 129 -7.79 -2.10 11.44
CA THR A 129 -6.81 -1.60 12.43
C THR A 129 -7.41 -1.58 13.86
N ARG A 130 -8.68 -1.20 13.99
CA ARG A 130 -9.35 -1.28 15.30
C ARG A 130 -9.44 -2.71 15.83
N GLN A 131 -9.50 -3.70 14.94
CA GLN A 131 -9.44 -5.10 15.41
C GLN A 131 -8.06 -5.47 15.94
N PHE A 132 -6.99 -5.08 15.25
CA PHE A 132 -5.64 -5.25 15.83
C PHE A 132 -5.52 -4.57 17.20
N ILE A 133 -6.01 -3.34 17.29
CA ILE A 133 -6.00 -2.63 18.57
C ILE A 133 -6.75 -3.45 19.62
N ALA A 134 -8.00 -3.78 19.34
CA ALA A 134 -8.83 -4.53 20.29
C ALA A 134 -8.24 -5.89 20.69
N SER A 135 -7.47 -6.51 19.79
CA SER A 135 -6.92 -7.83 20.03
C SER A 135 -5.83 -7.90 21.11
N GLY A 136 -5.15 -6.79 21.41
CA GLY A 136 -4.02 -6.85 22.34
C GLY A 136 -2.69 -7.22 21.67
N TRP A 137 -2.74 -7.61 20.39
CA TRP A 137 -1.55 -7.88 19.59
C TRP A 137 -0.67 -6.64 19.50
N GLN A 138 0.65 -6.82 19.57
CA GLN A 138 1.59 -5.71 19.31
C GLN A 138 2.62 -6.09 18.23
N GLY A 139 3.03 -5.11 17.45
CA GLY A 139 3.97 -5.36 16.36
C GLY A 139 3.86 -4.25 15.33
N VAL A 140 4.24 -4.56 14.11
CA VAL A 140 4.22 -3.57 13.05
C VAL A 140 3.10 -3.85 12.04
N LEU A 141 2.40 -2.80 11.65
CA LEU A 141 1.45 -2.87 10.56
C LEU A 141 1.88 -1.92 9.46
N VAL A 142 1.72 -2.35 8.21
CA VAL A 142 1.98 -1.47 7.07
C VAL A 142 0.83 -1.52 6.11
N ASP A 143 0.50 -0.35 5.56
CA ASP A 143 -0.45 -0.26 4.47
C ASP A 143 0.07 0.53 3.30
N ALA A 144 -0.66 0.42 2.19
CA ALA A 144 -0.39 1.18 1.00
C ALA A 144 -1.64 1.94 0.63
N LEU A 145 -2.25 2.59 1.61
CA LEU A 145 -3.45 3.39 1.38
C LEU A 145 -3.19 4.48 0.37
N ALA A 146 -4.21 4.86 -0.36
CA ALA A 146 -4.10 5.94 -1.35
C ALA A 146 -4.75 7.24 -0.89
N ARG A 147 -5.94 7.14 -0.29
CA ARG A 147 -6.79 8.33 -0.12
C ARG A 147 -6.46 9.09 1.16
N THR A 148 -6.36 10.40 1.03
CA THR A 148 -6.15 11.29 2.17
C THR A 148 -7.15 11.01 3.28
N SER A 149 -8.43 10.83 2.93
CA SER A 149 -9.46 10.65 3.96
C SER A 149 -9.36 9.29 4.67
N ALA A 150 -8.81 8.29 3.99
CA ALA A 150 -8.53 7.01 4.66
C ALA A 150 -7.37 7.19 5.63
N VAL A 151 -6.34 7.92 5.21
CA VAL A 151 -5.20 8.16 6.09
C VAL A 151 -5.59 9.03 7.30
N GLU A 152 -6.52 9.96 7.10
CA GLU A 152 -7.01 10.74 8.23
C GLU A 152 -7.72 9.89 9.28
N GLN A 153 -8.43 8.84 8.86
CA GLN A 153 -9.03 7.93 9.83
C GLN A 153 -7.98 7.24 10.68
N LEU A 154 -6.86 6.86 10.08
CA LEU A 154 -5.78 6.26 10.86
C LEU A 154 -5.10 7.25 11.79
N ILE A 155 -5.03 8.51 11.37
CA ILE A 155 -4.51 9.59 12.22
C ILE A 155 -5.34 9.75 13.49
N THR A 156 -6.66 9.55 13.38
CA THR A 156 -7.52 9.64 14.57
C THR A 156 -7.13 8.55 15.57
N LEU A 157 -6.55 7.44 15.09
CA LEU A 157 -6.18 6.31 15.94
C LEU A 157 -4.76 6.37 16.51
N ARG A 158 -4.05 7.47 16.30
CA ARG A 158 -2.63 7.57 16.70
C ARG A 158 -2.34 7.11 18.12
N GLU A 159 -3.10 7.64 19.07
CA GLU A 159 -2.87 7.33 20.49
C GLU A 159 -3.28 5.92 20.82
N ASP A 160 -4.38 5.44 20.23
CA ASP A 160 -4.83 4.06 20.43
C ASP A 160 -3.77 3.07 19.97
N LEU A 161 -3.18 3.35 18.81
CA LEU A 161 -2.06 2.57 18.28
C LEU A 161 -0.90 2.55 19.25
N ALA A 162 -0.46 3.75 19.63
CA ALA A 162 0.64 3.92 20.57
C ALA A 162 0.38 3.19 21.89
N GLN A 163 -0.81 3.36 22.45
CA GLN A 163 -1.14 2.68 23.71
C GLN A 163 -1.20 1.17 23.54
N ALA A 164 -1.65 0.72 22.37
CA ALA A 164 -1.70 -0.71 22.10
C ALA A 164 -0.31 -1.34 21.86
N GLY A 165 0.72 -0.53 21.62
CA GLY A 165 2.09 -1.09 21.39
C GLY A 165 2.33 -1.46 19.92
N ILE A 166 1.64 -0.77 19.02
CA ILE A 166 1.71 -1.04 17.60
C ILE A 166 2.40 0.11 16.89
N THR A 167 3.37 -0.24 16.03
CA THR A 167 4.04 0.74 15.18
C THR A 167 3.38 0.62 13.80
N TYR A 168 2.65 1.65 13.41
CA TYR A 168 1.86 1.62 12.20
C TYR A 168 2.53 2.47 11.13
N MET A 169 2.86 1.87 9.99
CA MET A 169 3.45 2.59 8.85
C MET A 169 2.39 2.78 7.76
N THR A 170 1.90 4.01 7.59
CA THR A 170 0.82 4.27 6.64
C THR A 170 1.31 4.92 5.35
N GLY A 171 0.65 4.59 4.26
CA GLY A 171 0.95 5.14 2.94
C GLY A 171 2.32 4.75 2.43
N CYS A 172 2.70 3.50 2.61
CA CYS A 172 4.06 3.06 2.33
C CYS A 172 4.14 2.20 1.07
N GLY A 173 3.37 2.60 0.05
CA GLY A 173 3.38 1.92 -1.26
C GLY A 173 4.25 2.64 -2.28
N ALA A 174 3.72 2.83 -3.48
CA ALA A 174 4.41 3.55 -4.54
C ALA A 174 4.09 5.04 -4.40
N THR A 175 2.81 5.38 -4.47
CA THR A 175 2.31 6.71 -4.08
C THR A 175 0.94 6.56 -3.44
N PRO A 176 0.79 6.98 -2.19
CA PRO A 176 1.89 7.43 -1.35
C PRO A 176 2.90 6.32 -1.05
N GLY A 177 4.12 6.74 -0.79
CA GLY A 177 5.18 5.87 -0.34
C GLY A 177 6.49 6.26 -0.96
N LEU A 178 7.02 5.38 -1.80
CA LEU A 178 8.28 5.59 -2.50
C LEU A 178 8.43 7.02 -3.02
N LEU A 179 7.45 7.46 -3.81
CA LEU A 179 7.52 8.77 -4.44
C LEU A 179 7.38 9.89 -3.42
N THR A 180 6.61 9.65 -2.37
CA THR A 180 6.47 10.62 -1.30
C THR A 180 7.78 10.79 -0.54
N ALA A 181 8.45 9.67 -0.25
CA ALA A 181 9.71 9.74 0.46
C ALA A 181 10.77 10.42 -0.38
N ALA A 182 10.72 10.20 -1.69
CA ALA A 182 11.68 10.81 -2.61
C ALA A 182 11.50 12.32 -2.59
N ALA A 183 10.25 12.76 -2.56
CA ALA A 183 9.95 14.20 -2.46
C ALA A 183 10.45 14.77 -1.14
N ALA A 184 10.32 14.00 -0.05
CA ALA A 184 10.80 14.47 1.25
C ALA A 184 12.33 14.66 1.24
N ILE A 185 13.04 13.75 0.61
CA ILE A 185 14.48 13.88 0.49
C ILE A 185 14.85 15.05 -0.42
N ALA A 186 14.17 15.15 -1.56
CA ALA A 186 14.47 16.17 -2.55
C ALA A 186 14.25 17.58 -1.99
N SER A 187 13.31 17.70 -1.07
CA SER A 187 12.97 18.98 -0.47
C SER A 187 14.12 19.66 0.30
N GLN A 188 15.14 18.91 0.68
CA GLN A 188 16.20 19.40 1.55
C GLN A 188 17.06 20.45 0.89
N SER A 189 17.06 20.51 -0.44
CA SER A 189 17.80 21.53 -1.18
C SER A 189 17.17 22.96 -1.11
N PHE A 190 15.94 23.06 -0.66
CA PHE A 190 15.17 24.29 -0.81
C PHE A 190 14.81 24.94 0.53
N GLN A 191 14.75 26.26 0.52
CA GLN A 191 14.29 27.04 1.66
C GLN A 191 12.76 26.95 1.75
N GLU A 192 12.10 26.95 0.60
CA GLU A 192 10.66 26.85 0.56
C GLU A 192 10.24 26.00 -0.63
N ILE A 193 9.24 25.16 -0.39
CA ILE A 193 8.72 24.28 -1.40
C ILE A 193 7.53 24.94 -2.08
N HIS A 194 7.50 24.89 -3.40
CA HIS A 194 6.41 25.43 -4.19
C HIS A 194 5.43 24.37 -4.63
N GLN A 195 5.93 23.22 -5.09
CA GLN A 195 5.05 22.20 -5.65
C GLN A 195 5.71 20.84 -5.56
N VAL A 196 4.92 19.82 -5.20
CA VAL A 196 5.29 18.43 -5.41
C VAL A 196 4.25 17.86 -6.34
N LYS A 197 4.68 17.45 -7.53
CA LYS A 197 3.78 16.94 -8.56
C LYS A 197 4.12 15.51 -8.90
N ILE A 198 3.20 14.60 -8.63
CA ILE A 198 3.34 13.19 -8.98
C ILE A 198 2.50 12.87 -10.19
N THR A 199 3.13 12.24 -11.17
CA THR A 199 2.45 11.69 -12.35
C THR A 199 2.82 10.22 -12.43
N PHE A 200 1.84 9.32 -12.37
CA PHE A 200 2.15 7.91 -12.48
C PHE A 200 1.56 7.26 -13.74
N GLY A 201 2.23 6.20 -14.17
CA GLY A 201 1.73 5.33 -15.21
C GLY A 201 1.68 3.89 -14.73
N VAL A 202 0.60 3.20 -15.11
CA VAL A 202 0.42 1.79 -14.81
C VAL A 202 -0.07 1.09 -16.07
N GLY A 203 0.62 0.03 -16.47
CA GLY A 203 0.11 -0.89 -17.50
C GLY A 203 -0.33 -2.18 -16.81
N ILE A 204 -1.57 -2.59 -17.07
CA ILE A 204 -2.15 -3.81 -16.51
C ILE A 204 -1.77 -4.99 -17.38
N ALA A 205 -1.04 -5.93 -16.80
CA ALA A 205 -0.57 -7.12 -17.50
C ALA A 205 -1.57 -8.27 -17.37
N ASN A 206 -2.21 -8.35 -16.22
CA ASN A 206 -3.06 -9.46 -15.85
C ASN A 206 -4.38 -8.92 -15.32
N TRP A 207 -5.43 -9.01 -16.13
CA TRP A 207 -6.72 -8.45 -15.75
C TRP A 207 -7.21 -8.98 -14.39
N GLU A 208 -7.15 -10.29 -14.17
CA GLU A 208 -7.63 -10.86 -12.91
C GLU A 208 -6.93 -10.20 -11.72
N ALA A 209 -5.63 -9.98 -11.83
CA ALA A 209 -4.87 -9.31 -10.77
C ALA A 209 -5.26 -7.83 -10.50
N TYR A 210 -6.04 -7.21 -11.39
CA TYR A 210 -6.42 -5.79 -11.21
C TYR A 210 -7.89 -5.57 -10.84
N ARG A 211 -8.80 -6.33 -11.47
CA ARG A 211 -10.21 -6.26 -11.08
C ARG A 211 -10.32 -6.61 -9.60
N ALA A 212 -11.13 -5.84 -8.88
CA ALA A 212 -11.21 -5.88 -7.40
C ALA A 212 -10.29 -4.83 -6.76
N THR A 213 -9.46 -4.17 -7.56
CA THR A 213 -8.94 -2.86 -7.17
C THR A 213 -9.32 -1.74 -8.18
N ILE A 214 -9.73 -2.12 -9.38
CA ILE A 214 -10.00 -1.14 -10.43
C ILE A 214 -11.09 -0.13 -10.06
N ARG A 215 -12.05 -0.56 -9.24
CA ARG A 215 -13.10 0.32 -8.78
C ARG A 215 -12.57 1.40 -7.85
N GLU A 216 -11.51 1.09 -7.10
CA GLU A 216 -10.82 2.12 -6.30
C GLU A 216 -10.32 3.27 -7.17
N ASP A 217 -9.86 2.94 -8.37
CA ASP A 217 -9.36 3.94 -9.31
C ASP A 217 -10.50 4.66 -10.05
N ILE A 218 -11.48 3.90 -10.54
CA ILE A 218 -12.64 4.47 -11.21
C ILE A 218 -13.32 5.48 -10.30
N ALA A 219 -13.27 5.27 -8.98
CA ALA A 219 -13.77 6.26 -8.01
C ALA A 219 -13.13 7.65 -8.13
N HIS A 220 -11.91 7.73 -8.66
CA HIS A 220 -11.25 9.03 -8.91
C HIS A 220 -11.65 9.69 -10.23
N MET A 221 -12.47 8.99 -11.00
CA MET A 221 -12.90 9.40 -12.32
C MET A 221 -13.82 10.61 -12.20
N PRO A 222 -13.95 11.41 -13.27
CA PRO A 222 -14.90 12.51 -13.24
C PRO A 222 -16.32 11.99 -13.16
N GLY A 223 -17.06 12.50 -12.18
CA GLY A 223 -18.46 12.11 -11.98
C GLY A 223 -18.61 10.72 -11.36
N TYR A 224 -17.68 10.35 -10.49
CA TYR A 224 -17.72 9.09 -9.78
C TYR A 224 -17.32 9.32 -8.33
N ASN A 225 -17.46 8.27 -7.52
CA ASN A 225 -16.94 8.23 -6.15
C ASN A 225 -16.91 6.80 -5.61
N VAL A 226 -16.38 6.60 -4.41
CA VAL A 226 -16.18 5.24 -3.89
C VAL A 226 -17.47 4.40 -3.94
N ASP A 227 -18.58 4.95 -3.48
CA ASP A 227 -19.83 4.19 -3.37
C ASP A 227 -20.36 3.81 -4.75
N LYS A 228 -20.42 4.78 -5.64
CA LYS A 228 -20.81 4.56 -7.04
C LYS A 228 -19.92 3.54 -7.76
N ALA A 229 -18.61 3.69 -7.62
CA ALA A 229 -17.66 2.80 -8.27
C ALA A 229 -17.76 1.39 -7.69
N GLN A 230 -17.77 1.29 -6.37
CA GLN A 230 -17.84 -0.02 -5.71
C GLN A 230 -19.10 -0.81 -6.14
N ALA A 231 -20.19 -0.11 -6.48
CA ALA A 231 -21.45 -0.74 -6.89
C ALA A 231 -21.56 -1.06 -8.38
N MET A 232 -20.55 -0.73 -9.17
CA MET A 232 -20.59 -0.99 -10.59
C MET A 232 -20.44 -2.48 -10.90
N THR A 233 -21.14 -2.91 -11.94
CA THR A 233 -21.02 -4.29 -12.41
C THR A 233 -19.85 -4.35 -13.37
N ASP A 234 -19.28 -5.54 -13.53
CA ASP A 234 -18.22 -5.75 -14.51
C ASP A 234 -18.70 -5.31 -15.89
N ALA A 235 -19.99 -5.48 -16.16
CA ALA A 235 -20.59 -4.99 -17.38
C ALA A 235 -20.38 -3.49 -17.54
N GLU A 236 -20.77 -2.75 -16.51
CA GLU A 236 -20.67 -1.29 -16.52
C GLU A 236 -19.20 -0.83 -16.56
N VAL A 237 -18.30 -1.54 -15.90
CA VAL A 237 -16.87 -1.24 -15.96
C VAL A 237 -16.35 -1.38 -17.39
N ALA A 238 -16.56 -2.54 -17.98
CA ALA A 238 -16.16 -2.77 -19.37
C ALA A 238 -16.72 -1.71 -20.30
N ALA A 239 -17.93 -1.25 -20.03
CA ALA A 239 -18.54 -0.21 -20.82
C ALA A 239 -17.78 1.11 -20.65
N LEU A 240 -17.50 1.50 -19.42
CA LEU A 240 -16.72 2.71 -19.19
C LEU A 240 -15.40 2.60 -19.94
N LEU A 241 -14.69 1.51 -19.74
CA LEU A 241 -13.41 1.32 -20.41
C LEU A 241 -13.51 1.38 -21.93
N ASP A 242 -14.59 0.84 -22.50
CA ASP A 242 -14.79 0.89 -23.96
C ASP A 242 -14.72 2.31 -24.49
N GLN A 243 -15.36 3.23 -23.79
CA GLN A 243 -15.38 4.62 -24.19
C GLN A 243 -14.00 5.20 -24.36
N THR A 244 -13.14 4.99 -23.37
CA THR A 244 -11.80 5.58 -23.38
C THR A 244 -10.73 4.57 -23.78
N ASN A 245 -11.11 3.55 -24.56
CA ASN A 245 -10.17 2.57 -25.08
C ASN A 245 -9.30 1.86 -24.02
N GLY A 246 -9.86 1.62 -22.84
CA GLY A 246 -9.15 0.88 -21.79
C GLY A 246 -8.35 1.79 -20.87
N ILE A 247 -8.43 3.10 -21.09
CA ILE A 247 -7.56 4.04 -20.40
C ILE A 247 -8.34 4.81 -19.34
N LEU A 248 -7.76 4.86 -18.14
CA LEU A 248 -8.27 5.66 -17.06
C LEU A 248 -7.27 6.76 -16.75
N ALA A 249 -7.56 7.98 -17.20
CA ALA A 249 -6.71 9.13 -16.95
C ALA A 249 -7.25 9.88 -15.76
N LEU A 250 -6.48 9.93 -14.68
CA LEU A 250 -6.98 10.48 -13.43
C LEU A 250 -6.20 11.78 -13.10
N GLU A 251 -6.93 12.83 -12.75
CA GLU A 251 -6.26 14.08 -12.44
C GLU A 251 -6.67 14.56 -11.08
N ASP A 252 -5.75 15.25 -10.43
CA ASP A 252 -5.96 15.86 -9.14
C ASP A 252 -6.69 14.92 -8.19
N MET A 253 -6.10 13.74 -8.01
CA MET A 253 -6.68 12.72 -7.19
C MET A 253 -6.56 13.10 -5.73
N GLU A 254 -7.57 12.74 -4.94
CA GLU A 254 -7.45 12.75 -3.49
C GLU A 254 -6.40 11.68 -3.17
N HIS A 255 -5.24 12.14 -2.69
CA HIS A 255 -4.12 11.25 -2.52
C HIS A 255 -3.34 11.67 -1.31
N ALA A 256 -3.15 10.71 -0.40
CA ALA A 256 -2.61 10.97 0.92
C ALA A 256 -1.16 11.50 0.94
N ASP A 257 -0.46 11.46 -0.19
CA ASP A 257 0.85 12.14 -0.30
C ASP A 257 0.78 13.55 0.26
N ASP A 258 -0.38 14.18 0.10
CA ASP A 258 -0.52 15.58 0.44
C ASP A 258 -0.44 15.84 1.93
N ILE A 259 -1.24 15.15 2.72
CA ILE A 259 -1.18 15.27 4.18
C ILE A 259 0.12 14.70 4.79
N MET A 260 0.71 13.71 4.13
CA MET A 260 1.96 13.14 4.60
C MET A 260 3.09 14.13 4.54
N LEU A 261 3.20 14.81 3.40
CA LEU A 261 4.23 15.84 3.25
C LEU A 261 3.93 17.06 4.12
N GLU A 262 2.65 17.31 4.39
CA GLU A 262 2.27 18.35 5.35
C GLU A 262 2.64 17.98 6.79
N LEU A 263 2.37 16.75 7.21
CA LEU A 263 2.74 16.34 8.56
C LEU A 263 4.25 16.33 8.75
N ALA A 264 5.01 16.10 7.68
CA ALA A 264 6.48 16.13 7.79
C ALA A 264 7.04 17.57 7.70
N GLY A 265 6.17 18.56 7.65
CA GLY A 265 6.57 19.97 7.66
C GLY A 265 7.17 20.49 6.37
N ILE A 266 7.00 19.73 5.28
CA ILE A 266 7.63 20.07 4.01
C ILE A 266 6.84 21.11 3.22
N CYS A 267 5.53 20.95 3.15
CA CYS A 267 4.69 21.90 2.41
C CYS A 267 3.26 21.71 2.83
N HIS A 268 2.41 22.62 2.41
CA HIS A 268 0.97 22.50 2.65
C HIS A 268 0.40 21.46 1.68
N ARG A 269 -0.63 20.76 2.11
CA ARG A 269 -1.26 19.75 1.26
C ARG A 269 -1.71 20.25 -0.11
N ASP A 270 -2.03 21.53 -0.21
CA ASP A 270 -2.54 22.11 -1.44
C ASP A 270 -1.45 22.27 -2.49
N GLN A 271 -0.20 22.17 -2.08
CA GLN A 271 0.91 22.23 -3.03
C GLN A 271 1.34 20.84 -3.55
N VAL A 272 0.58 19.81 -3.19
CA VAL A 272 0.85 18.45 -3.63
C VAL A 272 -0.28 18.03 -4.56
N THR A 273 0.07 17.63 -5.78
CA THR A 273 -0.90 17.22 -6.77
C THR A 273 -0.52 15.87 -7.34
N VAL A 274 -1.48 14.96 -7.43
CA VAL A 274 -1.24 13.62 -7.93
C VAL A 274 -2.21 13.30 -9.08
N GLY A 275 -1.65 12.82 -10.19
CA GLY A 275 -2.42 12.36 -11.34
C GLY A 275 -1.73 11.17 -11.95
N GLY A 276 -2.43 10.46 -12.81
CA GLY A 276 -1.80 9.34 -13.45
C GLY A 276 -2.71 8.69 -14.46
N VAL A 277 -2.16 7.70 -15.14
CA VAL A 277 -2.84 7.01 -16.22
C VAL A 277 -2.70 5.52 -15.99
N VAL A 278 -3.82 4.80 -16.01
CA VAL A 278 -3.72 3.36 -16.04
C VAL A 278 -4.28 2.87 -17.37
N ASP A 279 -3.46 2.06 -18.05
CA ASP A 279 -3.79 1.44 -19.33
C ASP A 279 -4.20 0.00 -19.03
N THR A 280 -5.51 -0.25 -19.03
CA THR A 280 -6.03 -1.57 -18.69
C THR A 280 -5.79 -2.61 -19.80
N ARG A 281 -5.34 -2.15 -20.97
CA ARG A 281 -5.20 -3.01 -22.14
C ARG A 281 -3.76 -3.23 -22.62
N ASN A 282 -2.77 -2.83 -21.82
CA ASN A 282 -1.36 -2.97 -22.21
C ASN A 282 -0.51 -3.21 -20.97
N PRO A 283 0.37 -4.23 -21.00
CA PRO A 283 1.26 -4.41 -19.86
C PRO A 283 2.36 -3.32 -19.75
N LYS A 284 2.67 -2.63 -20.85
CA LYS A 284 3.62 -1.53 -20.85
C LYS A 284 3.04 -0.28 -20.21
N LYS A 285 3.86 0.41 -19.41
CA LYS A 285 3.45 1.68 -18.82
C LYS A 285 3.15 2.68 -19.90
N PRO A 286 2.02 3.36 -19.78
CA PRO A 286 1.62 4.36 -20.76
C PRO A 286 2.40 5.66 -20.63
N LEU A 287 3.13 5.81 -19.52
CA LEU A 287 4.01 6.95 -19.32
C LEU A 287 4.97 6.61 -18.19
N SER A 288 6.06 7.37 -18.09
CA SER A 288 7.07 7.09 -17.09
C SER A 288 6.67 7.76 -15.78
N THR A 289 6.52 6.98 -14.72
CA THR A 289 6.16 7.52 -13.42
C THR A 289 7.26 8.42 -12.88
N HIS A 290 6.91 9.60 -12.40
CA HIS A 290 7.89 10.49 -11.80
C HIS A 290 7.26 11.44 -10.80
N VAL A 291 8.12 12.02 -9.98
CA VAL A 291 7.74 13.10 -9.05
C VAL A 291 8.67 14.29 -9.28
N LYS A 292 8.06 15.46 -9.40
CA LYS A 292 8.77 16.72 -9.63
C LYS A 292 8.59 17.61 -8.40
N ILE A 293 9.71 18.06 -7.82
CA ILE A 293 9.68 18.84 -6.61
C ILE A 293 10.27 20.18 -6.97
N THR A 294 9.46 21.22 -6.86
CA THR A 294 9.87 22.58 -7.17
C THR A 294 9.93 23.44 -5.93
N GLY A 295 10.95 24.29 -5.83
CA GLY A 295 11.04 25.21 -4.72
C GLY A 295 12.06 26.31 -4.94
N ARG A 296 12.27 27.13 -3.92
CA ARG A 296 13.23 28.23 -3.95
C ARG A 296 14.36 27.92 -2.94
N THR A 297 15.60 28.06 -3.40
CA THR A 297 16.77 27.79 -2.57
C THR A 297 17.09 29.04 -1.77
N PHE A 298 17.97 28.90 -0.78
CA PHE A 298 18.37 30.04 0.04
C PHE A 298 19.02 31.17 -0.75
N GLU A 299 19.49 30.88 -1.95
CA GLU A 299 20.04 31.92 -2.81
C GLU A 299 18.94 32.64 -3.62
N GLY A 300 17.68 32.25 -3.43
CA GLY A 300 16.57 32.84 -4.20
C GLY A 300 16.39 32.26 -5.60
N LYS A 301 17.03 31.15 -5.90
CA LYS A 301 16.85 30.51 -7.20
C LYS A 301 15.67 29.50 -7.15
N ILE A 302 14.86 29.50 -8.19
CA ILE A 302 13.77 28.53 -8.31
C ILE A 302 14.21 27.44 -9.26
N SER A 303 13.99 26.19 -8.86
CA SER A 303 14.44 25.03 -9.60
C SER A 303 13.63 23.80 -9.19
N SER A 304 13.81 22.71 -9.92
CA SER A 304 13.07 21.48 -9.66
C SER A 304 13.98 20.28 -9.72
N HIS A 305 13.80 19.36 -8.77
CA HIS A 305 14.38 18.04 -8.84
C HIS A 305 13.33 17.09 -9.41
N THR A 306 13.76 16.03 -10.08
CA THR A 306 12.84 15.00 -10.60
C THR A 306 13.33 13.60 -10.29
N PHE A 307 12.45 12.78 -9.71
CA PHE A 307 12.73 11.40 -9.46
C PHE A 307 11.84 10.56 -10.38
N THR A 308 12.46 9.76 -11.25
CA THR A 308 11.73 9.02 -12.28
C THR A 308 11.95 7.53 -12.08
N LEU A 309 10.86 6.76 -12.22
CA LEU A 309 10.91 5.32 -12.07
C LEU A 309 11.13 4.63 -13.41
N GLY A 310 11.77 3.48 -13.37
CA GLY A 310 12.08 2.72 -14.56
C GLY A 310 10.82 2.08 -15.06
N ASP A 311 10.67 2.09 -16.39
CA ASP A 311 9.46 1.63 -17.03
C ASP A 311 9.18 0.15 -16.81
N GLU A 312 10.23 -0.64 -16.60
CA GLU A 312 10.07 -2.06 -16.35
C GLU A 312 9.91 -2.42 -14.87
N THR A 313 9.76 -1.42 -14.00
CA THR A 313 9.41 -1.68 -12.62
C THR A 313 7.89 -1.62 -12.57
N SER A 314 7.28 -2.74 -12.19
CA SER A 314 5.83 -2.86 -12.21
C SER A 314 5.22 -2.13 -11.03
N MET A 315 3.91 -1.92 -11.11
CA MET A 315 3.16 -1.42 -9.96
C MET A 315 3.44 -2.30 -8.74
N ALA A 316 3.38 -3.61 -8.93
CA ALA A 316 3.59 -4.56 -7.85
C ALA A 316 4.93 -4.34 -7.15
N ALA A 317 6.02 -4.24 -7.93
CA ALA A 317 7.35 -4.04 -7.35
C ALA A 317 7.45 -2.68 -6.63
N ASN A 318 6.89 -1.65 -7.21
CA ASN A 318 6.99 -0.31 -6.64
C ASN A 318 6.07 -0.07 -5.44
N VAL A 319 5.07 -0.93 -5.27
CA VAL A 319 4.21 -0.88 -4.10
C VAL A 319 4.71 -1.81 -3.01
N CYS A 320 4.95 -3.08 -3.35
CA CYS A 320 5.28 -4.10 -2.34
C CYS A 320 6.72 -4.01 -1.86
N GLY A 321 7.62 -3.56 -2.72
CA GLY A 321 9.00 -3.42 -2.34
C GLY A 321 9.11 -2.44 -1.19
N PRO A 322 8.66 -1.20 -1.42
CA PRO A 322 8.66 -0.21 -0.35
C PRO A 322 7.86 -0.66 0.87
N ALA A 323 6.72 -1.29 0.67
CA ALA A 323 5.90 -1.75 1.81
C ALA A 323 6.70 -2.60 2.80
N PHE A 324 7.47 -3.54 2.30
CA PHE A 324 8.23 -4.37 3.23
C PHE A 324 9.49 -3.68 3.74
N GLY A 325 10.00 -2.72 2.98
CA GLY A 325 11.13 -1.93 3.48
C GLY A 325 10.64 -1.09 4.63
N TYR A 326 9.41 -0.60 4.55
CA TYR A 326 8.85 0.16 5.68
C TYR A 326 8.46 -0.75 6.84
N LEU A 327 8.05 -1.97 6.56
CA LEU A 327 7.80 -2.92 7.63
C LEU A 327 9.10 -3.15 8.42
N LYS A 328 10.19 -3.32 7.70
CA LYS A 328 11.48 -3.58 8.33
C LYS A 328 11.88 -2.36 9.13
N ALA A 329 11.76 -1.18 8.52
CA ALA A 329 12.02 0.06 9.23
C ALA A 329 11.13 0.22 10.47
N GLY A 330 9.85 -0.10 10.30
CA GLY A 330 8.91 -0.04 11.40
C GLY A 330 9.30 -0.93 12.56
N TYR A 331 9.76 -2.12 12.25
CA TYR A 331 10.21 -3.06 13.26
C TYR A 331 11.40 -2.51 14.05
N GLY A 332 12.35 -1.89 13.34
CA GLY A 332 13.47 -1.21 13.97
C GLY A 332 12.97 -0.17 14.96
N LEU A 333 11.98 0.63 14.55
CA LEU A 333 11.36 1.61 15.44
C LEU A 333 10.68 0.95 16.62
N HIS A 334 9.88 -0.07 16.33
CA HIS A 334 9.19 -0.85 17.34
C HIS A 334 10.15 -1.40 18.39
N ARG A 335 11.24 -2.01 17.93
CA ARG A 335 12.23 -2.62 18.82
C ARG A 335 12.90 -1.56 19.71
N GLN A 336 12.89 -0.30 19.29
CA GLN A 336 13.41 0.81 20.11
C GLN A 336 12.35 1.38 21.04
N GLY A 337 11.18 0.76 21.10
CA GLY A 337 10.07 1.31 21.88
C GLY A 337 9.30 2.46 21.26
N LEU A 338 9.45 2.68 19.96
CA LEU A 338 8.71 3.74 19.27
C LEU A 338 7.44 3.19 18.60
N LYS A 339 6.30 3.62 19.14
CA LYS A 339 4.97 3.13 18.77
C LYS A 339 4.19 4.29 18.19
N GLY A 340 3.04 3.98 17.59
CA GLY A 340 2.20 5.01 17.02
C GLY A 340 2.22 4.97 15.50
N LEU A 341 1.89 6.09 14.89
CA LEU A 341 1.64 6.19 13.45
C LEU A 341 2.80 6.92 12.79
N PHE A 342 3.38 6.32 11.75
CA PHE A 342 4.43 6.93 10.96
C PHE A 342 4.04 6.89 9.51
N THR A 343 4.55 7.82 8.74
CA THR A 343 4.29 7.81 7.32
C THR A 343 5.59 7.56 6.58
N ALA A 344 5.45 7.26 5.29
CA ALA A 344 6.59 7.11 4.41
C ALA A 344 7.50 8.32 4.45
N ALA A 345 6.92 9.50 4.65
CA ALA A 345 7.69 10.75 4.69
C ALA A 345 8.56 10.90 5.94
N ASP A 346 8.25 10.14 6.99
CA ASP A 346 8.89 10.29 8.28
C ASP A 346 10.17 9.48 8.49
N VAL A 347 10.32 8.32 7.85
CA VAL A 347 11.47 7.46 8.13
C VAL A 347 12.06 6.82 6.90
N MET A 348 13.31 6.44 6.99
CA MET A 348 14.01 5.78 5.89
C MET A 348 13.65 4.30 5.86
N PRO A 349 13.06 3.83 4.74
CA PRO A 349 12.76 2.39 4.68
C PRO A 349 14.06 1.61 4.66
N LYS A 350 14.03 0.35 5.09
CA LYS A 350 15.26 -0.45 5.21
C LYS A 350 15.21 -1.56 4.19
N PHE A 351 16.28 -1.66 3.39
CA PHE A 351 16.35 -2.68 2.34
C PHE A 351 16.25 -4.06 2.96
N VAL A 352 15.31 -4.85 2.46
CA VAL A 352 15.08 -6.18 2.98
C VAL A 352 15.89 -7.18 2.12
N ARG A 353 16.69 -8.02 2.75
CA ARG A 353 17.41 -9.08 2.02
C ARG A 353 16.88 -10.46 2.44
C1 IKT B . -3.95 4.81 -6.71
O1 IKT B . -4.52 5.88 -6.40
O2 IKT B . -4.37 3.66 -6.50
C2 IKT B . -2.55 4.96 -7.30
C3 IKT B . -1.89 3.65 -7.77
C4 IKT B . -0.56 4.13 -8.27
C5 IKT B . 0.34 2.96 -8.58
C6 IKT B . 1.63 3.70 -8.86
C7 IKT B . 2.59 2.68 -9.50
C8 IKT B . 3.88 3.42 -9.93
C9 IKT B . 4.69 2.63 -10.98
O3 IKT B . 5.25 3.30 -11.89
O4 IKT B . 4.75 1.40 -10.84
C1' IKT B . -2.70 2.84 -8.83
C2' IKT B . -3.41 3.68 -9.91
N1' IKT B . -3.69 1.94 -8.19
#